data_3PTY
#
_entry.id   3PTY
#
_cell.length_a   129.130
_cell.length_b   129.130
_cell.length_c   136.730
_cell.angle_alpha   90.00
_cell.angle_beta   90.00
_cell.angle_gamma   120.00
#
_symmetry.space_group_name_H-M   'P 65 2 2'
#
loop_
_entity.id
_entity.type
_entity.pdbx_description
1 polymer 'Arabinosyltransferase C'
2 non-polymer 'octyl alpha-D-arabinofuranoside'
3 non-polymer 'CALCIUM ION'
4 non-polymer 'PHOSPHATE ION'
5 water water
#
_entity_poly.entity_id   1
_entity_poly.type   'polypeptide(L)'
_entity_poly.pdbx_seq_one_letter_code
;EVVSLTQAMISQYPAWSVGRSNLQALAGKTCGLAEDVLVELDPNAGMLAPVTAPLADALGAGLSEAFTPNGIPADVTADP
VMERPGDRSFLNDDGLITGSEPGTEGGTTAAPGINGSRARLPYNLDPARTPVLGSWRAGVQVPAMLRSGWYRLPTNEQRD
RAPLLVVTAAGRFDSREVRLQWATDEQAAAGHHGGSMEFADVGAAPAWRNLRAPLSAIPSTATQVRLVADDQDLAPQHWI
ALTPPRIPRVRTLQNVVGAADPVFLDWLVGLAFPCQRPFGHQYGVDETPKWRILPDRFGAEANSPVMDHNGGGPLGITEL
LMRATTVASYLKDDWFRDWGALQRLTPYYPDAQPADLNLGTVTRSGLWSPAPLRRGAPPPPPLGRDPNSSSVDKLAAALE
HHHHHH
;
_entity_poly.pdbx_strand_id   A
#
# COMPACT_ATOMS: atom_id res chain seq x y z
N SER A 17 -15.84 -27.65 1.01
CA SER A 17 -16.88 -26.85 0.37
C SER A 17 -16.33 -25.51 -0.09
N VAL A 18 -15.73 -24.76 0.82
CA VAL A 18 -15.05 -23.52 0.47
C VAL A 18 -13.85 -23.83 -0.44
N GLY A 19 -13.05 -24.81 -0.02
CA GLY A 19 -11.91 -25.24 -0.80
C GLY A 19 -12.33 -25.61 -2.20
N ARG A 20 -13.36 -26.44 -2.30
CA ARG A 20 -13.83 -26.93 -3.59
C ARG A 20 -14.31 -25.79 -4.49
N SER A 21 -15.07 -24.85 -3.93
CA SER A 21 -15.59 -23.73 -4.72
C SER A 21 -14.46 -22.79 -5.18
N ASN A 22 -13.53 -22.49 -4.28
CA ASN A 22 -12.35 -21.71 -4.65
C ASN A 22 -11.67 -22.30 -5.86
N LEU A 23 -11.40 -23.60 -5.83
CA LEU A 23 -10.67 -24.27 -6.91
C LEU A 23 -11.47 -24.31 -8.21
N GLN A 24 -12.77 -24.55 -8.10
CA GLN A 24 -13.65 -24.52 -9.28
C GLN A 24 -13.69 -23.11 -9.87
N ALA A 25 -13.81 -22.12 -9.00
CA ALA A 25 -13.75 -20.72 -9.44
C ALA A 25 -12.42 -20.45 -10.17
N LEU A 26 -11.33 -20.89 -9.58
CA LEU A 26 -9.99 -20.71 -10.14
C LEU A 26 -9.91 -21.28 -11.56
N ALA A 27 -10.33 -22.54 -11.71
CA ALA A 27 -10.20 -23.22 -13.00
C ALA A 27 -11.16 -22.68 -14.06
N GLY A 28 -12.25 -22.06 -13.62
CA GLY A 28 -13.24 -21.49 -14.52
C GLY A 28 -12.78 -20.21 -15.20
N LYS A 29 -11.72 -19.61 -14.68
CA LYS A 29 -11.15 -18.40 -15.26
C LYS A 29 -10.05 -18.76 -16.26
N THR A 30 -10.07 -18.13 -17.43
CA THR A 30 -9.10 -18.42 -18.47
C THR A 30 -7.67 -18.32 -17.93
N CYS A 31 -7.38 -17.23 -17.24
CA CYS A 31 -6.03 -17.04 -16.74
C CYS A 31 -5.97 -17.14 -15.22
N GLY A 32 -6.87 -17.95 -14.66
CA GLY A 32 -6.86 -18.26 -13.25
C GLY A 32 -6.86 -17.03 -12.36
N LEU A 33 -5.97 -17.02 -11.39
CA LEU A 33 -5.92 -15.95 -10.40
C LEU A 33 -5.45 -14.61 -10.99
N ALA A 34 -4.81 -14.65 -12.16
CA ALA A 34 -4.27 -13.43 -12.76
C ALA A 34 -5.38 -12.42 -13.12
N GLU A 35 -6.60 -12.91 -13.24
CA GLU A 35 -7.71 -12.02 -13.56
C GLU A 35 -8.30 -11.40 -12.28
N ASP A 36 -7.97 -11.95 -11.13
CA ASP A 36 -8.56 -11.49 -9.86
C ASP A 36 -7.61 -10.64 -9.01
N VAL A 37 -6.31 -10.77 -9.24
CA VAL A 37 -5.35 -9.90 -8.55
C VAL A 37 -5.31 -8.56 -9.29
N LEU A 38 -5.57 -7.49 -8.57
CA LEU A 38 -5.54 -6.14 -9.15
C LEU A 38 -4.26 -5.44 -8.71
N VAL A 39 -3.51 -4.93 -9.68
CA VAL A 39 -2.16 -4.45 -9.42
C VAL A 39 -2.11 -2.93 -9.55
N GLU A 40 -1.46 -2.29 -8.58
CA GLU A 40 -1.34 -0.84 -8.55
C GLU A 40 0.11 -0.45 -8.78
N LEU A 41 0.49 -0.32 -10.04
CA LEU A 41 1.90 -0.04 -10.39
C LEU A 41 2.34 1.36 -10.01
N ASP A 42 1.41 2.30 -9.98
CA ASP A 42 1.75 3.70 -9.71
C ASP A 42 0.90 4.25 -8.58
N PRO A 43 1.28 3.95 -7.34
CA PRO A 43 0.52 4.41 -6.18
C PRO A 43 0.42 5.94 -6.13
N ASN A 44 1.40 6.64 -6.71
CA ASN A 44 1.32 8.10 -6.67
C ASN A 44 0.21 8.69 -7.53
N ALA A 45 -0.19 7.98 -8.58
CA ALA A 45 -1.27 8.42 -9.44
C ALA A 45 -2.60 8.46 -8.71
N GLY A 46 -2.73 7.68 -7.62
CA GLY A 46 -4.01 7.61 -6.91
C GLY A 46 -4.11 8.53 -5.69
N MET A 47 -3.01 9.18 -5.34
CA MET A 47 -2.97 10.05 -4.16
C MET A 47 -4.08 11.11 -4.21
N LEU A 48 -4.77 11.31 -3.10
CA LEU A 48 -5.77 12.38 -3.02
C LEU A 48 -5.05 13.72 -2.98
N ALA A 49 -5.62 14.72 -3.64
CA ALA A 49 -5.09 16.08 -3.55
C ALA A 49 -5.43 16.66 -2.18
N PRO A 50 -4.48 17.36 -1.56
CA PRO A 50 -4.80 18.07 -0.32
C PRO A 50 -5.83 19.15 -0.62
N VAL A 51 -6.71 19.46 0.33
CA VAL A 51 -7.69 20.51 0.12
C VAL A 51 -7.04 21.90 0.07
N THR A 52 -6.24 22.21 1.08
CA THR A 52 -5.62 23.53 1.16
C THR A 52 -4.10 23.53 1.24
N ALA A 53 -3.51 22.54 1.91
CA ALA A 53 -2.06 22.55 2.14
C ALA A 53 -1.26 22.02 0.94
N PRO A 54 -0.03 22.53 0.75
CA PRO A 54 0.85 21.93 -0.25
C PRO A 54 1.08 20.46 0.09
N LEU A 55 1.38 19.65 -0.93
CA LEU A 55 1.58 18.22 -0.76
C LEU A 55 2.57 17.88 0.37
N ALA A 56 3.66 18.63 0.43
CA ALA A 56 4.71 18.36 1.42
C ALA A 56 4.20 18.56 2.84
N ASP A 57 3.24 19.48 3.00
CA ASP A 57 2.78 19.92 4.33
C ASP A 57 1.59 19.10 4.84
N ALA A 58 0.81 18.55 3.92
CA ALA A 58 -0.54 18.10 4.25
C ALA A 58 -0.60 16.95 5.26
N LEU A 59 0.40 16.07 5.24
CA LEU A 59 0.33 14.88 6.08
C LEU A 59 0.34 15.19 7.57
N GLY A 60 1.02 16.27 7.96
CA GLY A 60 1.08 16.65 9.36
C GLY A 60 0.55 18.04 9.65
N ALA A 61 -0.31 18.56 8.77
CA ALA A 61 -0.74 19.95 8.84
C ALA A 61 -1.69 20.26 9.99
N GLY A 62 -2.37 19.24 10.50
CA GLY A 62 -3.29 19.46 11.62
C GLY A 62 -2.53 19.48 12.92
N LEU A 63 -1.93 18.33 13.24
CA LEU A 63 -1.15 18.20 14.45
C LEU A 63 -0.13 17.08 14.29
N SER A 64 1.07 17.33 14.77
CA SER A 64 2.08 16.30 14.83
C SER A 64 2.75 16.41 16.19
N GLU A 65 2.60 15.37 17.01
CA GLU A 65 3.30 15.30 18.27
C GLU A 65 4.21 14.08 18.23
N ALA A 66 5.51 14.32 18.22
CA ALA A 66 6.50 13.24 18.13
C ALA A 66 6.30 12.31 16.94
N PHE A 67 5.69 12.81 15.87
CA PHE A 67 5.70 12.14 14.57
C PHE A 67 6.61 12.94 13.65
N THR A 68 7.65 12.30 13.11
CA THR A 68 8.66 13.00 12.33
C THR A 68 9.00 12.24 11.05
N PRO A 69 9.55 12.94 10.04
CA PRO A 69 9.81 12.30 8.74
C PRO A 69 10.75 11.10 8.84
N ASN A 70 11.64 11.11 9.83
CA ASN A 70 12.56 9.99 10.01
C ASN A 70 12.26 9.14 11.25
N GLY A 71 11.04 9.23 11.75
CA GLY A 71 10.62 8.43 12.89
C GLY A 71 10.24 7.01 12.47
N ILE A 72 11.20 6.31 11.90
CA ILE A 72 11.03 4.95 11.37
C ILE A 72 12.38 4.26 11.46
N PRO A 73 12.42 3.02 11.97
CA PRO A 73 13.70 2.30 12.08
C PRO A 73 14.33 2.10 10.70
N ALA A 74 15.65 2.01 10.64
CA ALA A 74 16.31 1.70 9.37
C ALA A 74 15.90 0.32 8.87
N ASP A 75 15.62 -0.59 9.80
CA ASP A 75 15.23 -1.95 9.46
C ASP A 75 13.79 -2.21 9.85
N VAL A 76 12.89 -2.12 8.87
CA VAL A 76 11.47 -2.43 9.09
C VAL A 76 11.22 -3.89 8.74
N GLY A 107 15.18 -0.01 3.76
CA GLY A 107 16.24 0.62 4.53
C GLY A 107 16.24 2.14 4.44
N THR A 108 17.33 2.67 3.90
CA THR A 108 17.56 4.12 3.85
C THR A 108 18.09 4.59 2.49
N THR A 109 17.69 5.79 2.08
CA THR A 109 18.16 6.37 0.82
C THR A 109 19.19 7.48 1.08
N ALA A 110 19.99 7.78 0.06
CA ALA A 110 20.98 8.84 0.15
C ALA A 110 20.31 10.21 0.25
N ALA A 111 19.45 10.52 -0.72
CA ALA A 111 18.76 11.80 -0.76
C ALA A 111 17.40 11.72 -0.03
N PRO A 112 17.01 12.81 0.64
CA PRO A 112 15.74 12.80 1.39
C PRO A 112 14.55 12.96 0.46
N GLY A 113 13.39 12.50 0.91
CA GLY A 113 12.16 12.73 0.17
C GLY A 113 11.62 14.12 0.40
N ILE A 114 10.42 14.36 -0.11
CA ILE A 114 9.84 15.70 -0.10
C ILE A 114 9.75 16.37 1.27
N ASN A 115 9.42 15.63 2.32
CA ASN A 115 9.40 16.25 3.64
C ASN A 115 10.59 15.87 4.53
N GLY A 116 11.66 15.39 3.92
CA GLY A 116 12.94 15.21 4.60
C GLY A 116 13.25 13.79 5.06
N SER A 117 12.40 12.83 4.69
CA SER A 117 12.59 11.46 5.11
C SER A 117 13.61 10.75 4.25
N ARG A 118 14.53 10.01 4.88
CA ARG A 118 15.42 9.14 4.13
C ARG A 118 14.96 7.67 4.20
N ALA A 119 13.76 7.44 4.73
CA ALA A 119 13.20 6.09 4.74
C ALA A 119 13.00 5.60 3.31
N ARG A 120 13.46 4.39 2.99
CA ARG A 120 13.22 3.85 1.67
C ARG A 120 11.76 3.42 1.59
N LEU A 121 11.05 3.91 0.57
CA LEU A 121 9.61 3.68 0.47
C LEU A 121 9.30 2.45 -0.36
N PRO A 122 8.21 1.73 -0.02
CA PRO A 122 7.82 0.53 -0.77
C PRO A 122 6.95 0.86 -1.97
N TYR A 123 6.62 -0.17 -2.76
CA TYR A 123 5.59 -0.08 -3.80
C TYR A 123 5.86 0.95 -4.88
N ASN A 124 7.12 1.32 -5.04
CA ASN A 124 7.51 2.37 -5.98
C ASN A 124 6.87 3.72 -5.71
N LEU A 125 6.49 3.97 -4.46
CA LEU A 125 6.12 5.32 -4.04
C LEU A 125 7.28 6.27 -4.33
N ASP A 126 6.97 7.43 -4.92
CA ASP A 126 7.99 8.39 -5.30
C ASP A 126 8.29 9.33 -4.11
N PRO A 127 9.50 9.22 -3.54
CA PRO A 127 9.84 10.04 -2.36
C PRO A 127 9.67 11.53 -2.63
N ALA A 128 9.87 11.96 -3.86
CA ALA A 128 9.73 13.37 -4.21
C ALA A 128 8.26 13.81 -4.16
N ARG A 129 7.35 12.84 -4.08
CA ARG A 129 5.92 13.13 -4.03
C ARG A 129 5.22 12.47 -2.84
N THR A 130 5.99 11.92 -1.92
CA THR A 130 5.40 11.14 -0.83
C THR A 130 5.99 11.49 0.52
N PRO A 131 5.35 12.40 1.25
CA PRO A 131 5.79 12.68 2.63
C PRO A 131 5.57 11.45 3.49
N VAL A 132 6.35 11.32 4.56
CA VAL A 132 6.22 10.23 5.51
C VAL A 132 6.31 10.84 6.90
N LEU A 133 5.50 10.34 7.83
CA LEU A 133 5.65 10.71 9.24
C LEU A 133 5.53 9.46 10.13
N GLY A 134 6.45 9.30 11.07
CA GLY A 134 6.45 8.14 11.96
C GLY A 134 6.76 8.45 13.41
N SER A 135 6.32 7.59 14.32
CA SER A 135 6.50 7.83 15.75
C SER A 135 7.58 6.97 16.38
N TRP A 136 8.37 6.26 15.55
CA TRP A 136 9.46 5.47 16.12
C TRP A 136 10.60 6.39 16.57
N ARG A 137 11.27 5.99 17.65
CA ARG A 137 12.50 6.64 18.06
C ARG A 137 13.32 5.72 18.95
N ALA A 138 14.63 5.96 18.98
CA ALA A 138 15.49 5.24 19.91
C ALA A 138 15.49 6.00 21.24
N GLY A 139 15.98 5.33 22.28
CA GLY A 139 16.08 5.97 23.59
C GLY A 139 14.74 6.15 24.26
N VAL A 140 14.53 7.33 24.84
CA VAL A 140 13.34 7.61 25.63
C VAL A 140 12.07 7.68 24.79
N GLN A 141 11.10 6.84 25.13
CA GLN A 141 9.85 6.77 24.41
C GLN A 141 8.87 7.83 24.91
N VAL A 142 8.16 8.49 24.00
CA VAL A 142 7.21 9.52 24.38
C VAL A 142 5.86 9.30 23.69
N PRO A 143 4.78 9.88 24.23
CA PRO A 143 3.47 9.78 23.58
C PRO A 143 3.51 10.49 22.23
N ALA A 144 2.75 9.99 21.26
CA ALA A 144 2.79 10.57 19.92
C ALA A 144 1.40 10.58 19.31
N MET A 145 1.12 11.61 18.51
CA MET A 145 -0.20 11.74 17.89
C MET A 145 -0.05 12.41 16.56
N LEU A 146 -0.95 12.10 15.63
CA LEU A 146 -0.94 12.74 14.33
C LEU A 146 -2.34 13.04 13.86
N ARG A 147 -2.51 14.22 13.28
CA ARG A 147 -3.74 14.57 12.58
C ARG A 147 -3.32 15.28 11.32
N SER A 148 -3.63 14.68 10.17
CA SER A 148 -3.24 15.29 8.90
C SER A 148 -4.15 16.46 8.57
N GLY A 149 -3.77 17.23 7.57
CA GLY A 149 -4.67 18.19 6.97
C GLY A 149 -5.72 17.44 6.17
N TRP A 150 -6.67 18.17 5.62
CA TRP A 150 -7.75 17.57 4.84
C TRP A 150 -7.33 17.27 3.41
N TYR A 151 -7.77 16.12 2.91
CA TYR A 151 -7.57 15.71 1.52
C TYR A 151 -8.92 15.64 0.80
N ARG A 152 -8.92 15.95 -0.48
CA ARG A 152 -10.14 16.03 -1.25
C ARG A 152 -10.53 14.67 -1.82
N LEU A 153 -11.76 14.24 -1.58
CA LEU A 153 -12.27 13.03 -2.21
C LEU A 153 -12.64 13.35 -3.65
N PRO A 154 -12.47 12.37 -4.56
CA PRO A 154 -12.76 12.59 -5.98
C PRO A 154 -14.24 12.81 -6.25
N THR A 155 -14.53 13.60 -7.28
CA THR A 155 -15.89 13.72 -7.78
C THR A 155 -15.91 13.22 -9.21
N ASN A 156 -14.80 13.42 -9.91
CA ASN A 156 -14.62 12.94 -11.27
C ASN A 156 -14.44 11.42 -11.28
N GLU A 157 -15.36 10.72 -11.94
CA GLU A 157 -15.34 9.26 -11.96
C GLU A 157 -14.19 8.70 -12.80
N GLN A 158 -13.59 7.61 -12.31
CA GLN A 158 -12.57 6.90 -13.07
C GLN A 158 -12.79 5.39 -13.03
N ARG A 159 -12.70 4.77 -14.19
CA ARG A 159 -13.02 3.36 -14.34
C ARG A 159 -12.02 2.44 -13.63
N ASP A 160 -10.77 2.84 -13.60
CA ASP A 160 -9.69 1.94 -13.20
C ASP A 160 -9.35 2.01 -11.71
N ARG A 161 -10.26 2.51 -10.89
CA ARG A 161 -9.99 2.66 -9.46
C ARG A 161 -10.49 1.44 -8.66
N ALA A 162 -9.70 1.01 -7.68
CA ALA A 162 -10.19 0.04 -6.70
C ALA A 162 -11.15 0.80 -5.77
N PRO A 163 -12.16 0.11 -5.23
CA PRO A 163 -13.14 0.77 -4.35
C PRO A 163 -12.62 0.86 -2.92
N LEU A 164 -11.38 1.33 -2.76
CA LEU A 164 -10.73 1.36 -1.46
C LEU A 164 -10.02 2.67 -1.24
N LEU A 165 -9.99 3.11 0.01
CA LEU A 165 -9.10 4.20 0.42
C LEU A 165 -7.92 3.50 1.06
N VAL A 166 -6.72 3.77 0.57
CA VAL A 166 -5.55 3.02 1.01
C VAL A 166 -4.49 3.94 1.59
N VAL A 167 -3.85 3.47 2.66
CA VAL A 167 -2.72 4.18 3.23
C VAL A 167 -1.57 3.19 3.43
N THR A 168 -0.43 3.48 2.82
CA THR A 168 0.77 2.69 3.09
C THR A 168 1.34 3.04 4.47
N ALA A 169 1.52 2.02 5.32
CA ALA A 169 1.91 2.24 6.71
C ALA A 169 2.91 1.20 7.18
N ALA A 170 3.66 1.54 8.23
CA ALA A 170 4.56 0.58 8.86
C ALA A 170 4.40 0.66 10.37
N GLY A 171 4.95 -0.32 11.08
CA GLY A 171 4.93 -0.31 12.53
C GLY A 171 4.04 -1.38 13.14
N ARG A 172 3.86 -1.30 14.46
CA ARG A 172 2.96 -2.21 15.16
C ARG A 172 1.94 -1.39 15.90
N PHE A 173 0.66 -1.60 15.59
CA PHE A 173 -0.39 -0.82 16.21
C PHE A 173 -1.71 -1.54 16.11
N ASP A 174 -2.64 -1.20 16.99
CA ASP A 174 -3.98 -1.78 16.98
C ASP A 174 -4.84 -1.00 15.99
N SER A 175 -5.90 -1.63 15.52
CA SER A 175 -6.72 -1.03 14.46
C SER A 175 -7.39 0.25 14.93
N ARG A 176 -7.59 0.38 16.23
CA ARG A 176 -8.21 1.59 16.78
C ARG A 176 -7.24 2.79 16.76
N GLU A 177 -5.95 2.54 16.58
CA GLU A 177 -4.95 3.60 16.70
C GLU A 177 -4.78 4.43 15.44
N VAL A 178 -5.31 3.96 14.31
CA VAL A 178 -5.25 4.70 13.06
C VAL A 178 -6.63 4.76 12.44
N ARG A 179 -7.13 5.96 12.24
CA ARG A 179 -8.49 6.11 11.72
C ARG A 179 -8.53 7.11 10.57
N LEU A 180 -9.54 6.95 9.74
CA LEU A 180 -9.82 7.89 8.67
C LEU A 180 -11.08 8.65 9.07
N GLN A 181 -10.98 9.97 9.15
CA GLN A 181 -12.15 10.80 9.42
C GLN A 181 -12.62 11.42 8.11
N TRP A 182 -13.94 11.61 7.99
CA TRP A 182 -14.50 12.29 6.83
C TRP A 182 -15.31 13.51 7.23
N ALA A 183 -15.62 14.35 6.26
CA ALA A 183 -16.32 15.60 6.52
C ALA A 183 -16.89 16.19 5.25
N THR A 184 -17.95 16.99 5.39
CA THR A 184 -18.43 17.85 4.32
C THR A 184 -17.57 19.11 4.33
N ASP A 185 -17.70 19.93 3.29
CA ASP A 185 -16.97 21.19 3.23
C ASP A 185 -17.24 22.03 4.46
N GLU A 186 -18.52 22.10 4.84
CA GLU A 186 -18.96 22.90 5.98
C GLU A 186 -18.35 22.42 7.30
N GLN A 187 -18.37 21.11 7.53
CA GLN A 187 -17.79 20.53 8.73
C GLN A 187 -16.28 20.77 8.79
N ALA A 188 -15.60 20.53 7.68
CA ALA A 188 -14.15 20.70 7.64
C ALA A 188 -13.75 22.15 7.97
N ALA A 189 -14.45 23.09 7.35
CA ALA A 189 -14.18 24.51 7.56
C ALA A 189 -14.29 24.90 9.03
N ALA A 190 -15.19 24.24 9.76
CA ALA A 190 -15.41 24.55 11.16
C ALA A 190 -14.55 23.71 12.09
N GLY A 191 -13.68 22.89 11.51
CA GLY A 191 -12.79 22.05 12.29
C GLY A 191 -13.42 20.76 12.81
N HIS A 192 -14.61 20.44 12.31
CA HIS A 192 -15.29 19.23 12.74
C HIS A 192 -15.18 18.11 11.70
N HIS A 193 -15.59 16.91 12.09
CA HIS A 193 -15.69 15.80 11.15
C HIS A 193 -17.04 15.12 11.34
N GLY A 194 -17.55 14.48 10.28
CA GLY A 194 -18.86 13.86 10.33
C GLY A 194 -18.84 12.43 10.82
N GLY A 195 -17.66 11.81 10.82
CA GLY A 195 -17.55 10.43 11.25
C GLY A 195 -16.16 9.90 10.94
N SER A 196 -15.94 8.63 11.25
CA SER A 196 -14.62 8.03 11.01
C SER A 196 -14.72 6.52 10.93
N MET A 197 -13.67 5.91 10.40
CA MET A 197 -13.61 4.45 10.32
C MET A 197 -12.19 3.98 10.56
N GLU A 198 -12.06 2.68 10.80
CA GLU A 198 -10.76 2.04 10.93
C GLU A 198 -10.34 1.43 9.61
N PHE A 199 -9.09 1.02 9.52
CA PHE A 199 -8.57 0.36 8.32
C PHE A 199 -8.43 -1.12 8.60
N ALA A 200 -8.51 -1.92 7.55
CA ALA A 200 -8.08 -3.32 7.63
C ALA A 200 -6.58 -3.34 7.44
N ASP A 201 -5.87 -3.91 8.42
CA ASP A 201 -4.43 -3.94 8.40
C ASP A 201 -4.01 -5.28 7.77
N VAL A 202 -3.59 -5.24 6.51
CA VAL A 202 -3.30 -6.46 5.76
C VAL A 202 -1.81 -6.57 5.48
N GLY A 203 -1.18 -7.65 5.94
CA GLY A 203 0.25 -7.85 5.72
C GLY A 203 1.00 -7.99 7.03
N ALA A 204 2.25 -8.39 6.94
CA ALA A 204 3.05 -8.65 8.15
C ALA A 204 3.62 -7.38 8.74
N ALA A 205 3.42 -7.19 10.05
CA ALA A 205 4.00 -6.07 10.77
C ALA A 205 5.38 -6.47 11.29
N PRO A 206 6.28 -5.50 11.49
CA PRO A 206 6.07 -4.05 11.34
C PRO A 206 6.42 -3.54 9.94
N ALA A 207 6.64 -4.44 8.99
CA ALA A 207 7.00 -4.05 7.63
C ALA A 207 5.93 -3.17 6.97
N TRP A 208 6.36 -2.39 5.98
CA TRP A 208 5.42 -1.62 5.17
C TRP A 208 4.30 -2.49 4.61
N ARG A 209 3.08 -1.96 4.62
CA ARG A 209 1.97 -2.66 3.99
C ARG A 209 0.87 -1.68 3.67
N ASN A 210 -0.18 -2.16 2.99
CA ASN A 210 -1.27 -1.31 2.59
C ASN A 210 -2.50 -1.49 3.48
N LEU A 211 -2.80 -0.48 4.29
CA LEU A 211 -4.04 -0.46 5.06
C LEU A 211 -5.18 -0.14 4.10
N ARG A 212 -6.34 -0.79 4.29
CA ARG A 212 -7.45 -0.60 3.36
C ARG A 212 -8.75 -0.29 4.07
N ALA A 213 -9.46 0.69 3.54
CA ALA A 213 -10.78 1.06 4.04
C ALA A 213 -11.74 1.11 2.85
N PRO A 214 -12.82 0.33 2.90
CA PRO A 214 -13.77 0.31 1.77
C PRO A 214 -14.41 1.67 1.57
N LEU A 215 -14.37 2.19 0.36
CA LEU A 215 -15.00 3.48 0.06
C LEU A 215 -16.50 3.44 0.35
N SER A 216 -17.09 2.25 0.28
CA SER A 216 -18.53 2.12 0.52
C SER A 216 -18.91 2.58 1.92
N ALA A 217 -17.97 2.56 2.86
CA ALA A 217 -18.28 2.97 4.23
C ALA A 217 -18.36 4.49 4.38
N ILE A 218 -17.78 5.22 3.43
CA ILE A 218 -17.77 6.68 3.51
C ILE A 218 -19.07 7.28 2.97
N PRO A 219 -19.76 8.09 3.77
CA PRO A 219 -21.04 8.65 3.31
C PRO A 219 -20.88 9.46 2.03
N SER A 220 -21.89 9.42 1.17
CA SER A 220 -21.84 10.05 -0.15
C SER A 220 -21.70 11.57 -0.11
N THR A 221 -22.08 12.18 1.02
CA THR A 221 -21.97 13.61 1.18
C THR A 221 -20.60 14.05 1.69
N ALA A 222 -19.76 13.11 2.10
CA ALA A 222 -18.41 13.48 2.52
C ALA A 222 -17.63 14.02 1.32
N THR A 223 -16.89 15.10 1.52
CA THR A 223 -16.07 15.65 0.44
C THR A 223 -14.58 15.65 0.77
N GLN A 224 -14.26 15.49 2.05
CA GLN A 224 -12.88 15.58 2.51
C GLN A 224 -12.58 14.48 3.52
N VAL A 225 -11.33 14.03 3.58
CA VAL A 225 -10.92 13.06 4.59
C VAL A 225 -9.58 13.45 5.18
N ARG A 226 -9.31 12.96 6.38
CA ARG A 226 -7.99 13.14 6.97
C ARG A 226 -7.63 11.92 7.80
N LEU A 227 -6.34 11.77 8.08
CA LEU A 227 -5.84 10.67 8.90
C LEU A 227 -5.59 11.13 10.32
N VAL A 228 -5.91 10.26 11.28
CA VAL A 228 -5.57 10.54 12.67
C VAL A 228 -4.95 9.29 13.24
N ALA A 229 -3.89 9.47 14.03
CA ALA A 229 -3.20 8.35 14.61
C ALA A 229 -2.83 8.68 16.04
N ASP A 230 -2.87 7.67 16.90
CA ASP A 230 -2.61 7.86 18.32
C ASP A 230 -1.70 6.75 18.79
N ASP A 231 -0.49 7.12 19.19
CA ASP A 231 0.48 6.15 19.67
C ASP A 231 0.92 6.49 21.09
N GLN A 232 0.13 6.01 22.05
CA GLN A 232 0.35 6.27 23.47
C GLN A 232 1.14 5.14 24.13
N ASP A 233 1.39 4.07 23.38
CA ASP A 233 2.07 2.91 23.92
C ASP A 233 3.57 3.12 23.88
N LEU A 234 4.21 3.19 25.05
CA LEU A 234 5.60 3.58 25.13
C LEU A 234 6.59 2.43 24.97
N ALA A 235 6.09 1.21 24.77
CA ALA A 235 6.97 0.12 24.39
C ALA A 235 7.65 0.49 23.07
N PRO A 236 8.97 0.32 23.00
CA PRO A 236 9.77 0.77 21.84
C PRO A 236 9.30 0.15 20.54
N GLN A 237 8.80 -1.08 20.61
CA GLN A 237 8.40 -1.82 19.42
C GLN A 237 7.04 -1.35 18.90
N HIS A 238 6.34 -0.55 19.69
CA HIS A 238 5.02 -0.09 19.31
C HIS A 238 5.12 1.30 18.73
N TRP A 239 5.05 1.40 17.40
CA TRP A 239 5.17 2.70 16.74
C TRP A 239 4.39 2.66 15.44
N ILE A 240 4.18 3.84 14.84
CA ILE A 240 3.36 3.97 13.64
C ILE A 240 4.05 4.87 12.63
N ALA A 241 4.05 4.47 11.36
CA ALA A 241 4.51 5.36 10.28
C ALA A 241 3.45 5.38 9.19
N LEU A 242 3.14 6.57 8.67
CA LEU A 242 2.08 6.72 7.68
C LEU A 242 2.53 7.53 6.48
N THR A 243 1.82 7.35 5.37
CA THR A 243 1.98 8.17 4.18
C THR A 243 0.57 8.63 3.82
N PRO A 244 0.43 9.54 2.84
CA PRO A 244 -0.91 10.11 2.60
C PRO A 244 -1.91 9.15 1.96
N PRO A 245 -3.20 9.47 2.06
CA PRO A 245 -4.27 8.59 1.57
C PRO A 245 -4.37 8.60 0.04
N ARG A 246 -4.77 7.46 -0.51
CA ARG A 246 -4.96 7.35 -1.94
C ARG A 246 -6.10 6.41 -2.28
N ILE A 247 -6.58 6.50 -3.51
CA ILE A 247 -7.52 5.52 -4.07
C ILE A 247 -6.83 4.87 -5.26
N PRO A 248 -6.45 3.60 -5.11
CA PRO A 248 -5.55 2.97 -6.09
C PRO A 248 -6.10 2.92 -7.50
N ARG A 249 -5.28 3.26 -8.49
CA ARG A 249 -5.60 2.97 -9.88
C ARG A 249 -4.99 1.62 -10.22
N VAL A 250 -5.79 0.70 -10.74
CA VAL A 250 -5.35 -0.69 -10.87
C VAL A 250 -5.64 -1.27 -12.25
N ARG A 251 -4.93 -2.35 -12.58
CA ARG A 251 -5.17 -3.17 -13.77
C ARG A 251 -5.01 -4.61 -13.29
N THR A 252 -5.61 -5.56 -13.99
CA THR A 252 -5.45 -6.95 -13.56
C THR A 252 -4.00 -7.38 -13.72
N LEU A 253 -3.58 -8.33 -12.89
CA LEU A 253 -2.22 -8.86 -13.02
C LEU A 253 -2.00 -9.42 -14.42
N GLN A 254 -3.04 -10.03 -15.00
CA GLN A 254 -2.93 -10.56 -16.36
C GLN A 254 -2.61 -9.45 -17.35
N ASN A 255 -3.25 -8.31 -17.19
CA ASN A 255 -2.99 -7.17 -18.07
C ASN A 255 -1.63 -6.55 -17.83
N VAL A 256 -1.18 -6.55 -16.58
CA VAL A 256 0.10 -5.95 -16.23
C VAL A 256 1.28 -6.83 -16.60
N VAL A 257 1.19 -8.11 -16.22
CA VAL A 257 2.30 -9.05 -16.39
C VAL A 257 2.27 -9.69 -17.78
N GLY A 258 1.07 -10.03 -18.25
CA GLY A 258 0.91 -10.65 -19.56
C GLY A 258 1.41 -12.07 -19.61
N ALA A 259 1.54 -12.61 -20.82
CA ALA A 259 1.92 -14.00 -21.02
C ALA A 259 3.33 -14.15 -21.58
N ALA A 260 4.03 -13.03 -21.76
CA ALA A 260 5.37 -13.04 -22.37
C ALA A 260 6.52 -12.78 -21.38
N ASP A 261 6.34 -11.82 -20.46
CA ASP A 261 7.38 -11.54 -19.46
C ASP A 261 7.64 -12.80 -18.65
N PRO A 262 8.91 -13.20 -18.47
CA PRO A 262 9.16 -14.40 -17.67
C PRO A 262 8.96 -14.11 -16.19
N VAL A 263 8.34 -15.04 -15.48
CA VAL A 263 8.00 -14.84 -14.07
C VAL A 263 8.67 -15.93 -13.22
N PHE A 264 9.44 -15.52 -12.22
CA PHE A 264 9.95 -16.45 -11.22
C PHE A 264 8.78 -16.89 -10.34
N LEU A 265 8.46 -18.17 -10.35
CA LEU A 265 7.50 -18.66 -9.34
C LEU A 265 7.60 -20.15 -9.05
N ASP A 266 7.23 -20.51 -7.82
CA ASP A 266 7.24 -21.92 -7.40
C ASP A 266 6.25 -22.70 -8.27
N TRP A 267 6.56 -23.97 -8.54
CA TRP A 267 5.67 -24.80 -9.33
C TRP A 267 4.24 -24.81 -8.78
N LEU A 268 4.12 -24.97 -7.46
CA LEU A 268 2.83 -24.98 -6.76
C LEU A 268 2.04 -23.70 -7.01
N VAL A 269 2.71 -22.57 -6.87
CA VAL A 269 2.09 -21.28 -7.07
C VAL A 269 1.69 -21.07 -8.53
N GLY A 270 2.51 -21.57 -9.46
CA GLY A 270 2.21 -21.42 -10.88
C GLY A 270 0.92 -22.10 -11.33
N LEU A 271 0.43 -23.06 -10.56
CA LEU A 271 -0.80 -23.78 -10.92
C LEU A 271 -1.96 -22.79 -11.04
N ALA A 272 -1.93 -21.76 -10.21
CA ALA A 272 -2.98 -20.75 -10.17
C ALA A 272 -2.79 -19.65 -11.20
N PHE A 273 -1.64 -19.65 -11.88
CA PHE A 273 -1.31 -18.61 -12.86
C PHE A 273 -0.95 -19.26 -14.20
N PRO A 274 -1.92 -19.95 -14.81
CA PRO A 274 -1.65 -20.77 -16.00
C PRO A 274 -1.17 -19.96 -17.21
N CYS A 275 -1.50 -18.68 -17.27
CA CYS A 275 -1.14 -17.87 -18.45
C CYS A 275 0.22 -17.17 -18.31
N GLN A 276 0.81 -17.21 -17.11
CA GLN A 276 2.12 -16.58 -16.92
C GLN A 276 3.24 -17.51 -17.38
N ARG A 277 4.26 -16.94 -18.00
CA ARG A 277 5.41 -17.70 -18.49
C ARG A 277 6.40 -17.95 -17.36
N PRO A 278 6.56 -19.23 -16.97
CA PRO A 278 7.45 -19.53 -15.84
C PRO A 278 8.90 -19.40 -16.27
N PHE A 279 9.71 -18.72 -15.47
CA PHE A 279 11.11 -18.59 -15.76
C PHE A 279 11.78 -19.94 -15.57
N GLY A 280 12.56 -20.35 -16.56
CA GLY A 280 13.25 -21.64 -16.53
C GLY A 280 14.24 -21.74 -17.69
N HIS A 281 14.81 -22.91 -17.90
CA HIS A 281 15.82 -23.10 -18.94
C HIS A 281 15.53 -24.29 -19.84
N GLN A 282 14.28 -24.72 -19.89
CA GLN A 282 13.90 -25.78 -20.82
C GLN A 282 14.26 -25.35 -22.24
N TYR A 283 14.66 -26.32 -23.07
CA TYR A 283 15.07 -26.06 -24.45
C TYR A 283 16.24 -25.08 -24.52
N GLY A 284 16.96 -24.94 -23.41
CA GLY A 284 18.11 -24.05 -23.37
C GLY A 284 17.74 -22.59 -23.38
N VAL A 285 16.49 -22.28 -23.02
CA VAL A 285 16.02 -20.90 -23.02
C VAL A 285 16.88 -20.05 -22.10
N ASP A 286 17.32 -18.90 -22.62
CA ASP A 286 18.09 -17.95 -21.85
C ASP A 286 17.43 -16.57 -21.96
N GLU A 287 16.98 -16.03 -20.84
CA GLU A 287 16.27 -14.76 -20.84
C GLU A 287 16.31 -14.13 -19.46
N THR A 288 15.82 -12.90 -19.35
CA THR A 288 15.83 -12.16 -18.09
C THR A 288 14.45 -12.22 -17.46
N PRO A 289 14.35 -12.67 -16.18
CA PRO A 289 13.05 -12.68 -15.53
C PRO A 289 12.61 -11.25 -15.21
N LYS A 290 11.32 -10.98 -15.32
CA LYS A 290 10.84 -9.60 -15.12
C LYS A 290 9.97 -9.44 -13.88
N TRP A 291 9.44 -10.55 -13.38
CA TRP A 291 8.55 -10.53 -12.22
C TRP A 291 8.82 -11.74 -11.34
N ARG A 292 8.35 -11.68 -10.11
CA ARG A 292 8.33 -12.84 -9.25
C ARG A 292 7.01 -12.85 -8.49
N ILE A 293 6.39 -14.00 -8.36
CA ILE A 293 5.18 -14.11 -7.56
C ILE A 293 5.46 -14.96 -6.34
N LEU A 294 5.10 -14.45 -5.17
CA LEU A 294 5.39 -15.11 -3.90
C LEU A 294 4.10 -15.41 -3.17
N PRO A 295 4.07 -16.51 -2.39
CA PRO A 295 2.96 -16.80 -1.50
C PRO A 295 3.05 -15.85 -0.29
N ASP A 296 1.96 -15.71 0.48
CA ASP A 296 1.91 -14.64 1.50
C ASP A 296 2.87 -14.83 2.69
N ARG A 297 3.21 -16.08 3.00
CA ARG A 297 4.11 -16.35 4.13
C ARG A 297 5.35 -17.15 3.72
N ILE A 317 19.37 -11.80 -6.07
CA ILE A 317 18.38 -12.86 -6.12
C ILE A 317 18.10 -13.26 -7.56
N THR A 318 17.77 -14.53 -7.77
CA THR A 318 18.04 -15.60 -6.83
C THR A 318 18.98 -16.42 -7.68
N GLU A 319 18.80 -16.20 -8.99
CA GLU A 319 19.71 -16.63 -10.02
C GLU A 319 19.90 -15.46 -10.99
N LEU A 320 20.85 -14.57 -10.67
CA LEU A 320 21.34 -13.54 -11.60
C LEU A 320 21.55 -12.12 -11.05
N LEU A 321 21.36 -11.92 -9.75
CA LEU A 321 21.57 -10.61 -9.13
C LEU A 321 20.55 -9.57 -9.62
N MET A 322 19.31 -9.74 -9.22
CA MET A 322 18.24 -8.84 -9.58
C MET A 322 17.72 -8.13 -8.33
N ARG A 323 17.25 -6.90 -8.48
CA ARG A 323 16.51 -6.24 -7.42
C ARG A 323 15.02 -6.60 -7.53
N ALA A 324 14.42 -7.01 -6.42
CA ALA A 324 13.01 -7.36 -6.39
C ALA A 324 12.21 -6.31 -5.63
N THR A 325 11.24 -5.71 -6.31
CA THR A 325 10.39 -4.69 -5.69
C THR A 325 8.93 -5.12 -5.67
N THR A 326 8.38 -5.36 -4.49
CA THR A 326 6.98 -5.72 -4.38
C THR A 326 6.11 -4.56 -4.87
N VAL A 327 5.16 -4.85 -5.75
CA VAL A 327 4.25 -3.82 -6.21
C VAL A 327 2.93 -3.97 -5.45
N ALA A 328 2.24 -2.86 -5.24
CA ALA A 328 1.00 -2.91 -4.48
C ALA A 328 -0.03 -3.73 -5.26
N SER A 329 -0.75 -4.61 -4.59
CA SER A 329 -1.80 -5.37 -5.25
C SER A 329 -2.91 -5.76 -4.29
N TYR A 330 -4.07 -6.10 -4.83
CA TYR A 330 -5.27 -6.38 -4.04
C TYR A 330 -6.05 -7.50 -4.71
N LEU A 331 -6.64 -8.39 -3.91
CA LEU A 331 -7.47 -9.46 -4.45
C LEU A 331 -8.92 -8.99 -4.60
N LYS A 332 -9.41 -8.92 -5.82
CA LYS A 332 -10.79 -8.47 -6.10
C LYS A 332 -11.88 -9.19 -5.28
N ASP A 333 -11.68 -10.49 -5.06
CA ASP A 333 -12.64 -11.33 -4.33
C ASP A 333 -12.69 -11.09 -2.82
N ASP A 334 -11.62 -10.50 -2.26
CA ASP A 334 -11.57 -10.24 -0.84
C ASP A 334 -10.51 -9.18 -0.59
N TRP A 335 -10.94 -7.94 -0.44
CA TRP A 335 -10.02 -6.81 -0.39
C TRP A 335 -9.16 -6.82 0.86
N PHE A 336 -9.51 -7.67 1.82
CA PHE A 336 -8.77 -7.73 3.08
C PHE A 336 -7.87 -8.97 3.15
N ARG A 337 -7.81 -9.73 2.06
CA ARG A 337 -6.98 -10.93 2.03
C ARG A 337 -5.55 -10.64 1.59
N ASP A 338 -4.57 -11.08 2.40
CA ASP A 338 -3.17 -11.07 1.98
C ASP A 338 -2.95 -12.27 1.05
N TRP A 339 -3.17 -12.09 -0.24
CA TRP A 339 -3.19 -13.22 -1.17
C TRP A 339 -1.78 -13.78 -1.43
N GLY A 340 -0.78 -12.92 -1.29
CA GLY A 340 0.57 -13.21 -1.76
C GLY A 340 1.14 -11.91 -2.28
N ALA A 341 2.17 -11.98 -3.11
CA ALA A 341 2.83 -10.76 -3.58
C ALA A 341 3.29 -10.87 -5.02
N LEU A 342 3.14 -9.79 -5.76
CA LEU A 342 3.76 -9.67 -7.07
C LEU A 342 4.95 -8.72 -6.91
N GLN A 343 6.10 -9.12 -7.44
CA GLN A 343 7.29 -8.27 -7.41
C GLN A 343 7.80 -8.01 -8.82
N ARG A 344 8.24 -6.79 -9.08
CA ARG A 344 8.90 -6.46 -10.33
C ARG A 344 10.40 -6.65 -10.15
N LEU A 345 11.04 -7.30 -11.12
CA LEU A 345 12.48 -7.54 -11.04
C LEU A 345 13.21 -6.60 -11.99
N THR A 346 14.28 -6.01 -11.49
CA THR A 346 15.13 -5.12 -12.29
C THR A 346 16.59 -5.41 -11.98
N PRO A 347 17.47 -5.23 -12.98
CA PRO A 347 18.91 -5.47 -12.79
C PRO A 347 19.44 -4.72 -11.58
N TYR A 348 20.14 -5.42 -10.70
CA TYR A 348 20.71 -4.78 -9.51
C TYR A 348 21.77 -3.76 -9.91
N TYR A 349 22.45 -4.04 -11.03
CA TYR A 349 23.48 -3.15 -11.55
C TYR A 349 24.51 -2.77 -10.49
#